data_3R03
#
_entry.id   3R03
#
_cell.length_a   107.466
_cell.length_b   107.466
_cell.length_c   50.312
_cell.angle_alpha   90.00
_cell.angle_beta   90.00
_cell.angle_gamma   120.00
#
_symmetry.space_group_name_H-M   'P 32 2 1'
#
loop_
_entity.id
_entity.type
_entity.pdbx_description
1 polymer 'NUDIX hydrolase'
2 non-polymer "ADENOSINE-5'-DIPHOSPHATE"
3 water water
#
_entity_poly.entity_id   1
_entity_poly.type   'polypeptide(L)'
_entity_poly.pdbx_seq_one_letter_code
;(MSE)SLGLPILLVTAAALIDPDGRVLLAQRPPGKSLAGLWEFPGGKLEPGETPEAALVRELAEELGVDTRASCLAPLAF
ASHSYDTFHLL(MSE)PLYACRSWRGRATAREGQTLAWVRAERLREYP(MSE)PPADLPLIPILQDWLEGHHHHHH
;
_entity_poly.pdbx_strand_id   A,B
#
# COMPACT_ATOMS: atom_id res chain seq x y z
N PRO A 6 -4.68 16.26 7.04
CA PRO A 6 -3.88 15.30 7.82
C PRO A 6 -4.13 13.87 7.34
N ILE A 7 -3.14 13.00 7.53
CA ILE A 7 -3.25 11.61 7.09
C ILE A 7 -3.86 10.71 8.17
N LEU A 8 -4.83 9.89 7.76
CA LEU A 8 -5.35 8.84 8.62
C LEU A 8 -4.93 7.47 8.09
N LEU A 9 -4.25 6.69 8.91
CA LEU A 9 -3.80 5.35 8.52
C LEU A 9 -4.78 4.25 8.94
N VAL A 10 -5.15 3.41 7.98
CA VAL A 10 -6.00 2.27 8.28
C VAL A 10 -5.39 1.02 7.66
N THR A 11 -5.51 -0.11 8.34
CA THR A 11 -5.01 -1.37 7.82
C THR A 11 -6.15 -2.34 7.53
N ALA A 12 -6.21 -2.83 6.29
CA ALA A 12 -7.22 -3.80 5.91
C ALA A 12 -6.58 -5.14 5.60
N ALA A 13 -7.32 -6.21 5.88
CA ALA A 13 -6.89 -7.55 5.54
C ALA A 13 -7.83 -8.19 4.52
N ALA A 14 -7.26 -8.97 3.62
CA ALA A 14 -8.02 -9.79 2.70
C ALA A 14 -7.85 -11.25 3.10
N LEU A 15 -8.79 -11.76 3.89
CA LEU A 15 -8.80 -13.16 4.27
C LEU A 15 -9.24 -14.01 3.09
N ILE A 16 -8.40 -14.95 2.68
CA ILE A 16 -8.78 -15.89 1.64
C ILE A 16 -8.91 -17.28 2.25
N ASP A 17 -10.04 -17.93 2.03
CA ASP A 17 -10.20 -19.30 2.51
C ASP A 17 -9.67 -20.25 1.43
N PRO A 18 -9.54 -21.55 1.76
CA PRO A 18 -8.96 -22.52 0.81
C PRO A 18 -9.62 -22.53 -0.56
N ASP A 19 -10.88 -22.09 -0.64
CA ASP A 19 -11.62 -22.18 -1.88
C ASP A 19 -11.68 -20.87 -2.65
N GLY A 20 -10.75 -19.97 -2.34
CA GLY A 20 -10.61 -18.73 -3.08
C GLY A 20 -11.44 -17.54 -2.61
N ARG A 21 -12.44 -17.78 -1.78
CA ARG A 21 -13.32 -16.71 -1.32
C ARG A 21 -12.62 -15.69 -0.42
N VAL A 22 -13.03 -14.43 -0.53
CA VAL A 22 -12.49 -13.37 0.32
C VAL A 22 -13.58 -12.77 1.23
N LEU A 23 -13.22 -12.50 2.47
CA LEU A 23 -14.16 -11.99 3.46
C LEU A 23 -14.40 -10.49 3.38
N LEU A 24 -15.67 -10.12 3.23
CA LEU A 24 -16.08 -8.73 3.34
C LEU A 24 -16.92 -8.53 4.62
N ALA A 25 -16.83 -7.34 5.19
CA ALA A 25 -17.66 -6.96 6.33
C ALA A 25 -18.44 -5.70 6.03
N GLN A 26 -19.74 -5.77 6.24
CA GLN A 26 -20.61 -4.64 5.99
C GLN A 26 -20.62 -3.73 7.21
N ARG A 27 -20.34 -2.45 7.02
CA ARG A 27 -20.44 -1.49 8.10
C ARG A 27 -21.87 -1.46 8.64
N PRO A 28 -22.04 -1.32 9.96
CA PRO A 28 -23.40 -1.31 10.50
C PRO A 28 -24.00 0.09 10.43
N PRO A 29 -25.32 0.19 10.61
CA PRO A 29 -25.93 1.51 10.88
C PRO A 29 -25.60 1.87 12.32
N GLY A 30 -25.34 3.15 12.60
CA GLY A 30 -25.26 4.17 11.57
C GLY A 30 -23.96 4.94 11.76
N LYS A 31 -22.86 4.34 11.28
CA LYS A 31 -21.56 4.97 11.34
C LYS A 31 -21.24 5.49 9.96
N SER A 32 -20.09 6.15 9.84
CA SER A 32 -19.61 6.57 8.53
C SER A 32 -19.80 5.42 7.53
N LEU A 33 -20.28 5.76 6.33
CA LEU A 33 -20.41 4.81 5.23
C LEU A 33 -21.21 3.57 5.66
N ALA A 34 -22.45 3.81 6.05
CA ALA A 34 -23.27 2.83 6.75
C ALA A 34 -23.32 1.43 6.11
N GLY A 35 -23.96 1.31 4.95
CA GLY A 35 -24.24 -0.02 4.42
C GLY A 35 -23.22 -0.57 3.46
N LEU A 36 -22.08 0.10 3.37
CA LEU A 36 -21.05 -0.28 2.42
C LEU A 36 -20.18 -1.42 2.94
N TRP A 37 -19.83 -2.34 2.06
CA TRP A 37 -18.93 -3.43 2.40
C TRP A 37 -17.49 -2.94 2.41
N GLU A 38 -16.67 -3.55 3.26
CA GLU A 38 -15.28 -3.18 3.33
C GLU A 38 -14.44 -4.37 3.82
N PHE A 39 -13.13 -4.32 3.54
CA PHE A 39 -12.18 -5.27 4.11
C PHE A 39 -12.01 -4.99 5.60
N PRO A 40 -12.03 -6.05 6.41
CA PRO A 40 -11.86 -5.89 7.86
C PRO A 40 -10.53 -5.20 8.17
N GLY A 41 -10.49 -4.44 9.26
CA GLY A 41 -9.29 -3.74 9.66
C GLY A 41 -9.67 -2.54 10.52
N GLY A 42 -8.82 -1.52 10.51
CA GLY A 42 -9.13 -0.32 11.25
C GLY A 42 -7.93 0.56 11.57
N LYS A 43 -8.20 1.58 12.38
CA LYS A 43 -7.21 2.54 12.84
C LYS A 43 -6.05 1.84 13.56
N LEU A 44 -4.88 2.44 13.48
CA LEU A 44 -3.74 1.96 14.27
C LEU A 44 -3.68 2.69 15.61
N GLU A 45 -3.28 1.97 16.65
CA GLU A 45 -3.08 2.57 17.95
C GLU A 45 -1.61 2.97 18.08
N PRO A 46 -1.32 3.96 18.95
CA PRO A 46 0.04 4.44 19.16
C PRO A 46 1.05 3.31 19.27
N GLY A 47 2.15 3.44 18.52
CA GLY A 47 3.24 2.48 18.57
C GLY A 47 3.03 1.18 17.82
N GLU A 48 1.87 0.99 17.20
CA GLU A 48 1.60 -0.26 16.50
C GLU A 48 2.21 -0.27 15.12
N THR A 49 2.78 -1.40 14.72
CA THR A 49 3.02 -1.63 13.31
C THR A 49 1.68 -1.91 12.65
N PRO A 50 1.56 -1.55 11.36
CA PRO A 50 0.31 -1.83 10.65
C PRO A 50 -0.09 -3.30 10.77
N GLU A 51 0.90 -4.19 10.73
CA GLU A 51 0.66 -5.61 10.91
C GLU A 51 0.04 -5.91 12.28
N ALA A 52 0.67 -5.39 13.33
CA ALA A 52 0.22 -5.60 14.70
C ALA A 52 -1.21 -5.07 14.88
N ALA A 53 -1.48 -3.91 14.28
CA ALA A 53 -2.83 -3.35 14.32
C ALA A 53 -3.82 -4.33 13.68
N LEU A 54 -3.43 -4.92 12.56
CA LEU A 54 -4.30 -5.85 11.86
C LEU A 54 -4.54 -7.10 12.70
N VAL A 55 -3.48 -7.60 13.33
CA VAL A 55 -3.61 -8.75 14.22
C VAL A 55 -4.63 -8.50 15.35
N ARG A 56 -4.49 -7.38 16.05
CA ARG A 56 -5.45 -6.99 17.07
C ARG A 56 -6.87 -6.80 16.52
N GLU A 57 -6.97 -6.20 15.33
CA GLU A 57 -8.25 -5.91 14.67
C GLU A 57 -9.03 -7.15 14.24
N LEU A 58 -8.31 -8.13 13.69
CA LEU A 58 -8.93 -9.37 13.25
C LEU A 58 -9.45 -10.16 14.44
N ALA A 59 -8.78 -10.01 15.58
CA ALA A 59 -9.20 -10.70 16.79
C ALA A 59 -10.47 -10.07 17.40
N GLU A 60 -10.47 -8.74 17.50
CA GLU A 60 -11.58 -8.02 18.10
C GLU A 60 -12.82 -8.13 17.23
N GLU A 61 -12.61 -8.04 15.92
CA GLU A 61 -13.72 -7.98 14.99
C GLU A 61 -14.36 -9.34 14.68
N LEU A 62 -13.52 -10.38 14.60
CA LEU A 62 -13.93 -11.64 14.01
C LEU A 62 -13.54 -12.83 14.85
N GLY A 63 -12.86 -12.58 15.97
CA GLY A 63 -12.33 -13.68 16.76
C GLY A 63 -11.38 -14.53 15.92
N VAL A 64 -10.76 -13.90 14.93
CA VAL A 64 -9.79 -14.56 14.07
C VAL A 64 -8.39 -14.30 14.57
N ASP A 65 -7.63 -15.37 14.78
CA ASP A 65 -6.30 -15.24 15.37
C ASP A 65 -5.17 -15.54 14.37
N THR A 66 -4.35 -14.53 14.10
CA THR A 66 -3.25 -14.67 13.14
C THR A 66 -1.98 -13.97 13.62
N ARG A 67 -0.90 -14.06 12.83
CA ARG A 67 0.36 -13.44 13.24
C ARG A 67 0.81 -12.48 12.15
N ALA A 68 1.72 -11.57 12.50
CA ALA A 68 2.24 -10.59 11.56
C ALA A 68 2.81 -11.23 10.29
N SER A 69 3.49 -12.36 10.44
CA SER A 69 4.15 -13.04 9.33
C SER A 69 3.19 -13.72 8.35
N CYS A 70 1.90 -13.75 8.71
CA CYS A 70 0.87 -14.28 7.82
C CYS A 70 0.26 -13.18 6.94
N LEU A 71 0.76 -11.95 7.06
CA LEU A 71 0.22 -10.82 6.33
C LEU A 71 1.11 -10.40 5.15
N ALA A 72 0.55 -10.48 3.96
CA ALA A 72 1.29 -10.16 2.75
C ALA A 72 0.84 -8.83 2.16
N PRO A 73 1.75 -7.85 2.12
CA PRO A 73 1.44 -6.57 1.47
C PRO A 73 0.82 -6.81 0.10
N LEU A 74 -0.43 -6.40 -0.06
CA LEU A 74 -1.17 -6.67 -1.29
C LEU A 74 -1.30 -5.41 -2.13
N ALA A 75 -1.56 -4.29 -1.46
CA ALA A 75 -1.73 -3.02 -2.14
C ALA A 75 -2.16 -1.98 -1.13
N PHE A 76 -2.53 -0.80 -1.60
CA PHE A 76 -3.04 0.22 -0.72
C PHE A 76 -4.01 1.15 -1.44
N ALA A 77 -4.91 1.75 -0.67
CA ALA A 77 -5.82 2.75 -1.18
C ALA A 77 -5.39 4.10 -0.64
N SER A 78 -5.61 5.16 -1.42
CA SER A 78 -5.19 6.49 -1.01
C SER A 78 -6.20 7.52 -1.48
N HIS A 79 -7.18 7.81 -0.66
CA HIS A 79 -8.31 8.59 -1.11
C HIS A 79 -8.40 9.85 -0.39
N SER A 80 -8.90 10.84 -1.07
CA SER A 80 -9.06 12.09 -0.41
C SER A 80 -10.49 12.17 0.07
N TYR A 81 -10.67 12.40 1.35
CA TYR A 81 -11.98 12.53 1.86
C TYR A 81 -12.04 13.96 2.29
N ASP A 82 -13.15 14.39 2.86
CA ASP A 82 -13.36 15.81 3.13
C ASP A 82 -12.58 16.35 4.34
N THR A 83 -12.33 15.50 5.33
CA THR A 83 -11.73 15.95 6.59
C THR A 83 -10.29 15.48 6.76
N PHE A 84 -9.96 14.37 6.10
CA PHE A 84 -8.68 13.69 6.27
C PHE A 84 -8.33 12.96 4.99
N HIS A 85 -7.06 12.61 4.83
CA HIS A 85 -6.67 11.79 3.70
C HIS A 85 -6.37 10.37 4.15
N LEU A 86 -7.11 9.42 3.59
CA LEU A 86 -6.96 8.02 3.95
C LEU A 86 -5.77 7.38 3.22
N LEU A 87 -4.88 6.77 4.00
CA LEU A 87 -3.85 5.89 3.45
C LEU A 87 -4.07 4.50 3.99
N PRO A 89 -3.13 0.59 3.64
CA PRO A 89 -2.46 -0.64 3.22
C PRO A 89 -3.38 -1.85 3.33
N LEU A 90 -3.32 -2.72 2.32
CA LEU A 90 -4.12 -3.95 2.34
C LEU A 90 -3.17 -5.15 2.38
N TYR A 91 -3.50 -6.13 3.22
CA TYR A 91 -2.71 -7.36 3.30
C TYR A 91 -3.55 -8.57 2.97
N ALA A 92 -2.99 -9.49 2.17
CA ALA A 92 -3.60 -10.79 1.99
C ALA A 92 -3.27 -11.64 3.21
N CYS A 93 -4.16 -12.57 3.56
CA CYS A 93 -3.94 -13.46 4.69
C CYS A 93 -4.65 -14.79 4.43
N ARG A 94 -3.90 -15.88 4.43
CA ARG A 94 -4.44 -17.20 4.07
C ARG A 94 -4.45 -18.15 5.26
N SER A 95 -3.82 -17.72 6.34
CA SER A 95 -3.63 -18.60 7.48
C SER A 95 -3.95 -17.88 8.77
N TRP A 96 -4.91 -18.42 9.50
CA TRP A 96 -5.37 -17.89 10.78
C TRP A 96 -6.07 -19.01 11.55
N ARG A 97 -6.06 -18.93 12.87
CA ARG A 97 -6.79 -19.89 13.68
C ARG A 97 -8.17 -19.35 14.10
N GLY A 98 -9.16 -20.23 14.18
CA GLY A 98 -10.51 -19.83 14.57
C GLY A 98 -11.40 -19.49 13.39
N ARG A 99 -12.70 -19.75 13.51
CA ARG A 99 -13.60 -19.43 12.42
C ARG A 99 -14.11 -17.99 12.57
N ALA A 100 -14.10 -17.27 11.45
CA ALA A 100 -14.44 -15.86 11.45
C ALA A 100 -15.90 -15.65 11.88
N THR A 101 -16.09 -14.92 12.98
CA THR A 101 -17.43 -14.65 13.48
C THR A 101 -17.60 -13.17 13.81
N ALA A 102 -18.67 -12.58 13.30
CA ALA A 102 -19.00 -11.19 13.60
C ALA A 102 -19.16 -10.98 15.10
N ARG A 103 -18.36 -10.08 15.66
CA ARG A 103 -18.38 -9.83 17.10
C ARG A 103 -18.81 -8.40 17.39
N GLU A 104 -18.73 -7.54 16.37
CA GLU A 104 -19.03 -6.13 16.56
C GLU A 104 -20.27 -5.75 15.77
N GLY A 105 -21.28 -6.64 15.81
CA GLY A 105 -22.53 -6.41 15.10
C GLY A 105 -22.52 -6.76 13.62
N GLN A 106 -21.49 -6.28 12.92
CA GLN A 106 -21.36 -6.38 11.46
C GLN A 106 -21.90 -7.67 10.84
N THR A 107 -22.33 -7.57 9.59
CA THR A 107 -22.73 -8.74 8.82
C THR A 107 -21.60 -9.12 7.87
N LEU A 108 -21.38 -10.42 7.71
CA LEU A 108 -20.23 -10.93 6.97
C LEU A 108 -20.56 -11.57 5.61
N ALA A 109 -19.59 -11.56 4.70
CA ALA A 109 -19.77 -12.20 3.39
C ALA A 109 -18.47 -12.78 2.83
N TRP A 110 -18.49 -14.09 2.56
CA TRP A 110 -17.38 -14.76 1.88
C TRP A 110 -17.58 -14.76 0.36
N VAL A 111 -17.03 -13.77 -0.31
CA VAL A 111 -17.34 -13.57 -1.72
C VAL A 111 -16.28 -14.14 -2.68
N ARG A 112 -16.74 -14.87 -3.68
CA ARG A 112 -15.88 -15.34 -4.76
C ARG A 112 -15.44 -14.12 -5.56
N ALA A 113 -14.20 -14.15 -6.03
CA ALA A 113 -13.55 -12.96 -6.58
C ALA A 113 -14.31 -12.25 -7.69
N GLU A 114 -14.98 -13.02 -8.54
CA GLU A 114 -15.68 -12.46 -9.70
C GLU A 114 -16.95 -11.71 -9.28
N ARG A 115 -17.46 -12.02 -8.10
CA ARG A 115 -18.68 -11.40 -7.60
C ARG A 115 -18.39 -10.22 -6.67
N LEU A 116 -17.12 -9.79 -6.62
CA LEU A 116 -16.76 -8.68 -5.76
C LEU A 116 -17.53 -7.42 -6.13
N ARG A 117 -18.00 -7.36 -7.38
CA ARG A 117 -18.70 -6.19 -7.88
C ARG A 117 -20.11 -6.06 -7.29
N GLU A 118 -20.69 -7.19 -6.91
CA GLU A 118 -22.04 -7.22 -6.33
C GLU A 118 -22.11 -6.47 -5.00
N TYR A 119 -20.96 -6.21 -4.38
CA TYR A 119 -20.93 -5.57 -3.06
C TYR A 119 -20.42 -4.14 -3.14
N PRO A 120 -21.32 -3.17 -2.86
CA PRO A 120 -20.93 -1.76 -2.80
C PRO A 120 -19.94 -1.50 -1.67
N PRO A 122 -17.01 1.62 0.02
CA PRO A 122 -16.58 3.01 -0.08
C PRO A 122 -15.83 3.23 -1.39
N PRO A 123 -15.91 4.43 -1.97
CA PRO A 123 -15.29 4.65 -3.28
C PRO A 123 -13.78 4.45 -3.23
N ALA A 124 -13.19 4.61 -2.05
CA ALA A 124 -11.74 4.47 -1.86
C ALA A 124 -11.26 3.03 -1.96
N ASP A 125 -12.11 2.09 -1.57
CA ASP A 125 -11.76 0.67 -1.60
C ASP A 125 -11.88 0.11 -3.01
N LEU A 126 -12.61 0.81 -3.87
CA LEU A 126 -12.94 0.27 -5.19
C LEU A 126 -11.73 -0.06 -6.09
N PRO A 127 -10.71 0.82 -6.12
CA PRO A 127 -9.53 0.51 -6.91
C PRO A 127 -8.80 -0.78 -6.48
N LEU A 128 -9.03 -1.20 -5.24
CA LEU A 128 -8.35 -2.36 -4.65
C LEU A 128 -8.82 -3.68 -5.26
N ILE A 129 -10.01 -3.68 -5.85
CA ILE A 129 -10.61 -4.92 -6.33
C ILE A 129 -9.85 -5.62 -7.46
N PRO A 130 -9.51 -4.89 -8.54
CA PRO A 130 -8.71 -5.50 -9.60
C PRO A 130 -7.36 -6.00 -9.08
N ILE A 131 -6.68 -5.18 -8.28
CA ILE A 131 -5.41 -5.58 -7.69
C ILE A 131 -5.57 -6.86 -6.89
N LEU A 132 -6.75 -7.05 -6.30
CA LEU A 132 -7.03 -8.25 -5.51
C LEU A 132 -7.35 -9.43 -6.42
N GLN A 133 -8.13 -9.17 -7.46
CA GLN A 133 -8.51 -10.21 -8.41
C GLN A 133 -7.30 -10.85 -9.11
N ASP A 134 -6.33 -10.02 -9.53
CA ASP A 134 -5.08 -10.53 -10.10
C ASP A 134 -4.35 -11.37 -9.09
N TRP A 135 -4.00 -10.75 -7.96
CA TRP A 135 -3.25 -11.42 -6.91
C TRP A 135 -3.74 -12.84 -6.69
N LEU A 136 -5.06 -13.01 -6.64
CA LEU A 136 -5.66 -14.30 -6.33
C LEU A 136 -5.29 -15.39 -7.35
N LEU B 3 8.21 -3.40 21.39
CA LEU B 3 8.20 -1.98 21.74
C LEU B 3 7.58 -1.08 20.64
N GLY B 4 6.45 -0.47 20.96
CA GLY B 4 5.80 0.47 20.06
C GLY B 4 6.77 1.48 19.49
N LEU B 5 6.65 1.72 18.18
CA LEU B 5 7.50 2.69 17.49
C LEU B 5 6.65 3.57 16.60
N PRO B 6 7.17 4.75 16.21
CA PRO B 6 6.42 5.64 15.32
C PRO B 6 6.50 5.13 13.88
N ILE B 7 5.46 5.39 13.09
CA ILE B 7 5.48 5.13 11.67
C ILE B 7 6.18 6.28 10.93
N LEU B 8 7.06 5.92 10.00
CA LEU B 8 7.66 6.91 9.13
C LEU B 8 7.16 6.66 7.70
N LEU B 9 6.42 7.63 7.17
CA LEU B 9 5.89 7.51 5.82
C LEU B 9 6.87 8.04 4.78
N VAL B 10 7.22 7.18 3.83
CA VAL B 10 8.08 7.56 2.74
C VAL B 10 7.41 7.17 1.43
N THR B 11 7.29 8.11 0.51
CA THR B 11 6.70 7.81 -0.80
C THR B 11 7.75 7.26 -1.77
N ALA B 12 7.30 6.41 -2.70
CA ALA B 12 8.17 5.86 -3.72
C ALA B 12 7.46 5.85 -5.07
N ALA B 13 8.13 6.36 -6.09
CA ALA B 13 7.59 6.29 -7.44
C ALA B 13 8.40 5.35 -8.32
N ALA B 14 7.69 4.59 -9.13
CA ALA B 14 8.30 3.81 -10.21
C ALA B 14 7.93 4.46 -11.52
N LEU B 15 8.78 5.35 -12.03
CA LEU B 15 8.55 5.94 -13.33
C LEU B 15 8.80 4.83 -14.32
N ILE B 16 7.89 4.68 -15.28
CA ILE B 16 7.98 3.59 -16.23
C ILE B 16 8.00 4.11 -17.67
N ASP B 17 9.03 3.69 -18.41
CA ASP B 17 9.19 4.02 -19.83
C ASP B 17 8.06 3.48 -20.69
N PRO B 18 7.82 4.13 -21.84
CA PRO B 18 6.92 3.54 -22.84
C PRO B 18 7.42 2.15 -23.22
N ASP B 19 8.70 1.88 -22.95
CA ASP B 19 9.32 0.60 -23.25
C ASP B 19 9.21 -0.35 -22.04
N GLY B 20 8.86 0.20 -20.88
CA GLY B 20 8.69 -0.60 -19.69
C GLY B 20 9.90 -0.66 -18.77
N ARG B 21 10.87 0.23 -18.99
CA ARG B 21 12.01 0.37 -18.09
C ARG B 21 11.60 1.20 -16.87
N VAL B 22 12.04 0.78 -15.68
CA VAL B 22 11.71 1.51 -14.48
C VAL B 22 12.89 2.34 -14.00
N LEU B 23 12.62 3.58 -13.62
CA LEU B 23 13.68 4.46 -13.12
C LEU B 23 14.11 4.12 -11.70
N LEU B 24 15.42 4.03 -11.51
CA LEU B 24 16.03 3.75 -10.23
C LEU B 24 17.09 4.79 -9.92
N ALA B 25 17.23 5.14 -8.65
CA ALA B 25 18.20 6.15 -8.26
C ALA B 25 19.13 5.58 -7.21
N GLN B 26 20.43 5.83 -7.39
CA GLN B 26 21.42 5.39 -6.42
C GLN B 26 21.75 6.51 -5.45
N ARG B 27 21.94 6.16 -4.18
CA ARG B 27 22.30 7.16 -3.19
C ARG B 27 23.75 7.62 -3.38
N PRO B 28 23.96 8.95 -3.34
CA PRO B 28 25.28 9.56 -3.51
C PRO B 28 26.25 9.08 -2.44
N PRO B 29 27.54 8.98 -2.79
CA PRO B 29 28.59 8.54 -1.87
C PRO B 29 28.65 9.39 -0.59
N GLY B 30 28.81 8.75 0.55
CA GLY B 30 28.85 9.43 1.84
C GLY B 30 27.62 9.18 2.69
N LEU B 36 23.82 1.56 -3.17
CA LEU B 36 22.51 0.93 -3.17
C LEU B 36 21.47 1.75 -3.93
N TRP B 37 20.60 1.05 -4.64
CA TRP B 37 19.61 1.69 -5.48
C TRP B 37 18.27 1.67 -4.77
N GLU B 38 17.47 2.68 -5.06
CA GLU B 38 16.12 2.77 -4.53
C GLU B 38 15.21 3.55 -5.47
N PHE B 39 13.92 3.51 -5.20
CA PHE B 39 12.99 4.26 -6.00
C PHE B 39 13.06 5.72 -5.55
N PRO B 40 12.90 6.65 -6.50
CA PRO B 40 12.78 8.07 -6.17
C PRO B 40 11.57 8.34 -5.28
N GLY B 41 11.69 9.33 -4.39
CA GLY B 41 10.64 9.65 -3.44
C GLY B 41 11.27 10.17 -2.15
N GLY B 42 10.47 10.31 -1.11
CA GLY B 42 11.01 10.75 0.17
C GLY B 42 9.97 10.88 1.27
N LYS B 43 10.37 11.51 2.37
CA LYS B 43 9.47 11.76 3.50
C LYS B 43 8.29 12.66 3.13
N LEU B 44 7.20 12.57 3.88
CA LEU B 44 6.04 13.42 3.65
C LEU B 44 6.11 14.71 4.48
N GLU B 45 5.34 15.71 4.08
CA GLU B 45 5.28 16.98 4.77
C GLU B 45 3.84 17.39 5.07
N PRO B 46 3.64 18.12 6.18
CA PRO B 46 2.31 18.55 6.64
C PRO B 46 1.41 19.09 5.52
N GLY B 47 0.17 18.63 5.50
CA GLY B 47 -0.78 19.08 4.50
C GLY B 47 -0.77 18.16 3.30
N GLU B 48 0.41 17.62 2.98
CA GLU B 48 0.58 16.82 1.78
C GLU B 48 -0.17 15.50 1.81
N THR B 49 -0.94 15.26 0.75
CA THR B 49 -1.34 13.91 0.41
C THR B 49 -0.02 13.22 0.00
N PRO B 50 0.02 11.88 0.04
CA PRO B 50 1.28 11.23 -0.37
C PRO B 50 1.57 11.52 -1.84
N GLU B 51 0.51 11.58 -2.64
CA GLU B 51 0.59 11.89 -4.06
C GLU B 51 1.29 13.23 -4.28
N ALA B 52 0.99 14.20 -3.42
CA ALA B 52 1.58 15.53 -3.52
C ALA B 52 3.03 15.55 -3.06
N ALA B 53 3.35 14.80 -2.02
CA ALA B 53 4.75 14.73 -1.57
C ALA B 53 5.63 14.06 -2.63
N LEU B 54 5.06 13.11 -3.36
CA LEU B 54 5.79 12.44 -4.43
C LEU B 54 5.98 13.37 -5.63
N VAL B 55 4.94 14.14 -5.94
CA VAL B 55 4.97 15.07 -7.06
C VAL B 55 6.06 16.13 -6.96
N ARG B 56 6.35 16.61 -5.75
CA ARG B 56 7.41 17.60 -5.58
C ARG B 56 8.80 16.96 -5.47
N GLU B 57 8.85 15.77 -4.88
CA GLU B 57 10.12 15.04 -4.81
C GLU B 57 10.57 14.61 -6.19
N LEU B 58 9.62 14.32 -7.07
CA LEU B 58 9.94 13.94 -8.45
C LEU B 58 10.48 15.14 -9.22
N ALA B 59 9.94 16.31 -8.91
CA ALA B 59 10.43 17.56 -9.51
C ALA B 59 11.75 17.97 -8.89
N GLU B 60 11.83 17.91 -7.57
CA GLU B 60 13.05 18.29 -6.87
C GLU B 60 14.21 17.39 -7.26
N GLU B 61 13.97 16.08 -7.28
CA GLU B 61 15.04 15.10 -7.44
C GLU B 61 15.39 14.83 -8.90
N LEU B 62 14.40 14.89 -9.78
CA LEU B 62 14.62 14.44 -11.15
C LEU B 62 14.30 15.50 -12.20
N GLY B 63 13.64 16.58 -11.79
CA GLY B 63 13.20 17.60 -12.71
C GLY B 63 11.94 17.13 -13.39
N VAL B 64 11.42 16.00 -12.93
CA VAL B 64 10.21 15.42 -13.50
C VAL B 64 8.97 16.19 -13.08
N ASP B 65 8.03 16.34 -14.01
CA ASP B 65 6.84 17.13 -13.78
C ASP B 65 5.61 16.28 -14.07
N THR B 66 4.87 15.91 -13.02
CA THR B 66 3.69 15.04 -13.18
C THR B 66 2.52 15.45 -12.28
N ARG B 67 1.36 14.84 -12.49
CA ARG B 67 0.17 15.14 -11.69
C ARG B 67 -0.19 14.02 -10.72
N ALA B 68 -0.53 14.38 -9.48
CA ALA B 68 -1.00 13.43 -8.50
C ALA B 68 -1.97 12.40 -9.10
N SER B 69 -2.65 12.81 -10.17
CA SER B 69 -3.64 11.94 -10.82
C SER B 69 -2.99 10.94 -11.77
N CYS B 70 -1.71 11.16 -12.09
CA CYS B 70 -0.94 10.24 -12.92
C CYS B 70 -0.25 9.17 -12.06
N LEU B 71 -0.43 9.29 -10.75
CA LEU B 71 0.17 8.38 -9.80
C LEU B 71 -0.81 7.30 -9.39
N ALA B 72 -0.51 6.06 -9.79
CA ALA B 72 -1.40 4.94 -9.51
C ALA B 72 -0.81 3.98 -8.47
N PRO B 73 -1.44 3.88 -7.29
CA PRO B 73 -0.97 3.00 -6.21
C PRO B 73 -0.68 1.60 -6.73
N LEU B 74 0.47 1.05 -6.36
CA LEU B 74 0.90 -0.23 -6.87
C LEU B 74 1.04 -1.21 -5.71
N ALA B 75 1.98 -0.92 -4.82
CA ALA B 75 2.22 -1.77 -3.66
C ALA B 75 2.87 -0.95 -2.55
N PHE B 76 3.24 -1.61 -1.47
CA PHE B 76 3.89 -0.92 -0.37
C PHE B 76 4.92 -1.82 0.32
N ALA B 77 5.90 -1.18 0.94
CA ALA B 77 6.87 -1.86 1.79
C ALA B 77 6.62 -1.47 3.26
N SER B 78 6.75 -2.43 4.13
CA SER B 78 6.55 -2.22 5.55
C SER B 78 7.67 -2.95 6.28
N HIS B 79 8.44 -2.21 7.07
CA HIS B 79 9.62 -2.80 7.70
C HIS B 79 9.99 -2.05 8.97
N SER B 80 10.31 -2.82 10.01
CA SER B 80 10.70 -2.27 11.30
C SER B 80 12.20 -2.03 11.43
N TYR B 81 12.58 -0.79 11.72
CA TYR B 81 13.93 -0.50 12.17
C TYR B 81 13.96 -0.35 13.70
N ASP B 82 14.96 0.34 14.23
CA ASP B 82 15.12 0.44 15.68
C ASP B 82 14.38 1.60 16.30
N THR B 83 14.27 2.70 15.57
CA THR B 83 13.66 3.91 16.10
C THR B 83 12.37 4.27 15.38
N PHE B 84 12.02 3.49 14.36
CA PHE B 84 10.81 3.75 13.59
C PHE B 84 10.45 2.58 12.68
N HIS B 85 9.16 2.44 12.41
CA HIS B 85 8.71 1.46 11.44
C HIS B 85 8.42 2.19 10.15
N LEU B 86 8.97 1.66 9.06
CA LEU B 86 8.84 2.28 7.76
C LEU B 86 7.61 1.78 7.03
N LEU B 87 6.80 2.71 6.57
CA LEU B 87 5.68 2.39 5.68
C LEU B 87 5.87 3.19 4.41
N PRO B 89 4.53 3.48 0.56
CA PRO B 89 3.67 3.27 -0.61
C PRO B 89 4.41 3.53 -1.92
N LEU B 90 4.27 2.60 -2.87
CA LEU B 90 4.91 2.71 -4.16
C LEU B 90 3.88 2.99 -5.23
N TYR B 91 4.07 4.09 -5.95
CA TYR B 91 3.16 4.53 -7.01
C TYR B 91 3.78 4.27 -8.37
N ALA B 92 2.97 3.82 -9.32
CA ALA B 92 3.43 3.65 -10.69
C ALA B 92 3.05 4.87 -11.52
N CYS B 93 4.01 5.39 -12.27
CA CYS B 93 3.81 6.60 -13.06
C CYS B 93 4.30 6.45 -14.51
N ARG B 94 3.36 6.45 -15.46
CA ARG B 94 3.71 6.28 -16.88
C ARG B 94 3.73 7.58 -17.68
N SER B 95 3.20 8.65 -17.09
CA SER B 95 3.12 9.93 -17.79
C SER B 95 3.68 11.07 -16.94
N TRP B 96 4.69 11.75 -17.47
CA TRP B 96 5.27 12.95 -16.86
C TRP B 96 5.92 13.81 -17.93
N ARG B 97 6.11 15.09 -17.64
CA ARG B 97 6.76 15.99 -18.59
C ARG B 97 8.22 16.23 -18.20
N GLY B 98 9.07 16.49 -19.19
CA GLY B 98 10.50 16.67 -18.96
C GLY B 98 11.21 15.34 -18.84
N ARG B 99 12.51 15.32 -19.06
CA ARG B 99 13.26 14.08 -18.93
C ARG B 99 14.02 14.04 -17.60
N ALA B 100 14.08 12.86 -16.99
CA ALA B 100 14.65 12.70 -15.66
C ALA B 100 16.16 12.95 -15.61
N THR B 101 16.54 13.94 -14.82
CA THR B 101 17.93 14.30 -14.65
C THR B 101 18.27 14.23 -13.18
N ALA B 102 19.49 13.82 -12.85
CA ALA B 102 19.92 13.74 -11.47
C ALA B 102 20.29 15.13 -10.93
N ARG B 103 19.30 15.80 -10.34
CA ARG B 103 19.48 17.13 -9.79
C ARG B 103 20.28 17.13 -8.48
N GLU B 104 20.16 16.05 -7.72
CA GLU B 104 20.78 15.98 -6.40
C GLU B 104 22.05 15.11 -6.37
N GLY B 105 22.83 15.19 -7.44
CA GLY B 105 24.12 14.52 -7.53
C GLY B 105 24.10 13.00 -7.54
N GLN B 106 22.92 12.41 -7.68
CA GLN B 106 22.82 10.96 -7.72
C GLN B 106 23.08 10.43 -9.13
N THR B 107 23.21 9.10 -9.24
CA THR B 107 23.31 8.46 -10.54
C THR B 107 22.00 7.73 -10.82
N LEU B 108 21.49 7.90 -12.04
CA LEU B 108 20.23 7.28 -12.43
C LEU B 108 20.42 6.00 -13.22
N ALA B 109 19.33 5.31 -13.50
CA ALA B 109 19.37 4.09 -14.30
C ALA B 109 17.97 3.61 -14.64
N TRP B 110 17.71 3.46 -15.94
CA TRP B 110 16.48 2.86 -16.41
C TRP B 110 16.72 1.37 -16.61
N VAL B 111 16.08 0.54 -15.79
CA VAL B 111 16.31 -0.90 -15.84
C VAL B 111 15.05 -1.73 -16.16
N ARG B 112 15.22 -2.73 -17.01
CA ARG B 112 14.13 -3.60 -17.42
C ARG B 112 13.75 -4.55 -16.29
N ALA B 113 12.45 -4.82 -16.17
CA ALA B 113 11.91 -5.62 -15.08
C ALA B 113 12.82 -6.79 -14.70
N GLU B 114 13.39 -7.45 -15.70
CA GLU B 114 14.13 -8.69 -15.48
C GLU B 114 15.51 -8.46 -14.88
N ARG B 115 16.10 -7.30 -15.12
CA ARG B 115 17.47 -7.03 -14.64
C ARG B 115 17.48 -6.42 -13.25
N LEU B 116 16.29 -6.23 -12.69
CA LEU B 116 16.11 -5.59 -11.39
C LEU B 116 16.97 -6.19 -10.29
N ARG B 117 17.15 -7.50 -10.33
CA ARG B 117 17.88 -8.18 -9.28
C ARG B 117 19.39 -8.01 -9.46
N GLU B 118 19.77 -7.30 -10.52
CA GLU B 118 21.17 -6.92 -10.72
C GLU B 118 21.46 -5.65 -9.92
N TYR B 119 20.42 -5.00 -9.43
CA TYR B 119 20.59 -3.77 -8.66
C TYR B 119 20.43 -4.00 -7.16
N PRO B 120 21.54 -3.94 -6.44
CA PRO B 120 21.53 -4.03 -4.97
C PRO B 120 20.63 -2.95 -4.39
N PRO B 122 18.36 -1.50 -0.71
CA PRO B 122 18.16 -1.64 0.73
C PRO B 122 17.19 -2.78 1.00
N PRO B 123 17.43 -3.58 2.04
CA PRO B 123 16.64 -4.78 2.32
C PRO B 123 15.14 -4.54 2.35
N ALA B 124 14.72 -3.34 2.76
CA ALA B 124 13.30 -3.02 2.87
C ALA B 124 12.64 -2.85 1.50
N ASP B 125 13.44 -2.50 0.50
CA ASP B 125 12.94 -2.27 -0.85
C ASP B 125 12.84 -3.59 -1.59
N LEU B 126 13.54 -4.60 -1.10
CA LEU B 126 13.63 -5.88 -1.82
C LEU B 126 12.27 -6.49 -2.12
N PRO B 127 11.39 -6.60 -1.11
CA PRO B 127 10.08 -7.21 -1.37
C PRO B 127 9.28 -6.51 -2.48
N LEU B 128 9.59 -5.26 -2.79
CA LEU B 128 8.85 -4.55 -3.84
C LEU B 128 9.24 -5.03 -5.24
N ILE B 129 10.41 -5.65 -5.36
CA ILE B 129 10.92 -6.06 -6.68
C ILE B 129 10.06 -7.12 -7.38
N PRO B 130 9.82 -8.26 -6.72
CA PRO B 130 8.93 -9.29 -7.28
C PRO B 130 7.59 -8.72 -7.67
N ILE B 131 7.06 -7.82 -6.85
CA ILE B 131 5.76 -7.20 -7.07
C ILE B 131 5.79 -6.33 -8.31
N LEU B 132 6.89 -5.62 -8.49
CA LEU B 132 7.07 -4.72 -9.62
C LEU B 132 7.15 -5.52 -10.92
N GLN B 133 7.86 -6.64 -10.85
CA GLN B 133 8.03 -7.50 -12.00
C GLN B 133 6.70 -8.05 -12.46
N ASP B 134 5.96 -8.68 -11.54
CA ASP B 134 4.66 -9.24 -11.88
C ASP B 134 3.77 -8.17 -12.47
N TRP B 135 3.84 -6.97 -11.91
CA TRP B 135 3.07 -5.85 -12.43
C TRP B 135 3.44 -5.53 -13.88
N LEU B 136 4.74 -5.35 -14.12
CA LEU B 136 5.24 -5.02 -15.45
C LEU B 136 5.08 -6.18 -16.44
#